data_2FT0
#
_entry.id   2FT0
#
_cell.length_a   84.900
_cell.length_b   84.900
_cell.length_c   154.122
_cell.angle_alpha   90.00
_cell.angle_beta   90.00
_cell.angle_gamma   90.00
#
_symmetry.space_group_name_H-M   'P 43 21 2'
#
loop_
_entity.id
_entity.type
_entity.pdbx_description
1 polymer 'TDP-fucosamine acetyltransferase'
2 non-polymer 'ACETYL COENZYME *A'
3 water water
#
_entity_poly.entity_id   1
_entity_poly.type   'polypeptide(L)'
_entity_poly.pdbx_seq_one_letter_code
;MGSSHHHHHHGSPVRASIEPLTWENAFFGVNSAIVRITSEAPLLTPDALAPWSRVQAKIAASNTGELDALQQLGFSLVEG
EVDLALPVNNVSDSGAVVAQETDIPALRQLASAAFAQSRFRAPWYAPDASGRFYAQWIENAVRGTFDHQCLILRAASGDI
RGYVSLRELNATDARIGLLAGRGAGAELMQTALNWAYARGKTTLRVATQMGNTAALKRYIQSGANVESTAYWLYR
;
_entity_poly.pdbx_strand_id   A,B
#
# COMPACT_ATOMS: atom_id res chain seq x y z
N VAL A 14 24.82 -8.73 1.57
CA VAL A 14 23.49 -9.10 2.15
C VAL A 14 23.52 -10.54 2.68
N ARG A 15 22.94 -10.71 3.86
CA ARG A 15 22.87 -12.02 4.52
C ARG A 15 21.41 -12.38 4.80
N ALA A 16 21.08 -13.66 4.69
CA ALA A 16 19.71 -14.13 4.87
C ALA A 16 19.68 -15.62 5.14
N SER A 17 18.71 -16.05 5.94
CA SER A 17 18.43 -17.46 6.11
C SER A 17 17.53 -17.88 4.96
N ILE A 18 17.64 -19.14 4.55
CA ILE A 18 16.78 -19.70 3.52
C ILE A 18 16.21 -21.00 4.05
N GLU A 19 14.89 -21.05 4.19
CA GLU A 19 14.25 -22.17 4.85
C GLU A 19 13.13 -22.72 3.98
N PRO A 20 12.99 -24.04 3.91
CA PRO A 20 11.92 -24.65 3.15
C PRO A 20 10.56 -24.27 3.67
N LEU A 21 9.65 -24.05 2.73
CA LEU A 21 8.25 -23.77 3.02
C LEU A 21 7.54 -25.11 3.09
N THR A 22 7.68 -25.75 4.25
CA THR A 22 7.30 -27.14 4.46
C THR A 22 5.89 -27.47 4.00
N TRP A 23 4.93 -26.68 4.47
CA TRP A 23 3.54 -26.92 4.22
C TRP A 23 3.24 -26.73 2.73
N GLU A 24 3.72 -25.61 2.18
CA GLU A 24 3.42 -25.27 0.79
C GLU A 24 4.03 -26.28 -0.17
N ASN A 25 5.20 -26.78 0.20
CA ASN A 25 5.91 -27.75 -0.65
C ASN A 25 5.09 -29.01 -0.81
N ALA A 26 4.52 -29.50 0.29
CA ALA A 26 3.69 -30.68 0.25
C ALA A 26 2.37 -30.38 -0.47
N PHE A 27 1.81 -29.19 -0.21
CA PHE A 27 0.49 -28.85 -0.72
C PHE A 27 0.47 -28.62 -2.22
N PHE A 28 1.46 -27.87 -2.70
CA PHE A 28 1.54 -27.51 -4.10
C PHE A 28 2.37 -28.52 -4.90
N GLY A 29 3.16 -29.33 -4.20
CA GLY A 29 4.10 -30.23 -4.86
C GLY A 29 5.22 -29.46 -5.53
N VAL A 30 5.90 -28.62 -4.75
CA VAL A 30 7.01 -27.80 -5.23
C VAL A 30 8.18 -27.86 -4.26
N ASN A 31 9.33 -27.34 -4.68
CA ASN A 31 10.50 -27.29 -3.82
C ASN A 31 10.86 -25.83 -3.56
N SER A 32 10.08 -25.18 -2.72
CA SER A 32 10.19 -23.73 -2.52
C SER A 32 10.74 -23.42 -1.14
N ALA A 33 11.28 -22.21 -0.99
CA ALA A 33 11.84 -21.75 0.26
C ALA A 33 11.49 -20.29 0.47
N ILE A 34 11.64 -19.84 1.71
CA ILE A 34 11.46 -18.43 2.03
C ILE A 34 12.76 -17.86 2.55
N VAL A 35 13.07 -16.64 2.09
CA VAL A 35 14.29 -15.94 2.44
C VAL A 35 13.95 -14.86 3.44
N ARG A 36 14.67 -14.81 4.56
CA ARG A 36 14.56 -13.66 5.46
C ARG A 36 15.90 -13.01 5.81
N ILE A 37 16.04 -11.77 5.33
CA ILE A 37 17.28 -11.00 5.45
C ILE A 37 17.53 -10.64 6.90
N THR A 38 18.76 -10.88 7.35
CA THR A 38 19.15 -10.69 8.74
C THR A 38 20.69 -10.76 8.87
N SER A 39 21.23 -10.17 9.94
CA SER A 39 22.70 -10.10 10.09
C SER A 39 23.32 -11.44 10.48
N GLU A 40 22.59 -12.22 11.26
CA GLU A 40 23.11 -13.49 11.77
C GLU A 40 22.66 -14.67 10.89
N ALA A 41 23.08 -14.63 9.63
CA ALA A 41 22.75 -15.67 8.65
C ALA A 41 23.84 -15.69 7.58
N PRO A 42 23.91 -16.77 6.78
CA PRO A 42 24.91 -16.86 5.71
C PRO A 42 24.66 -15.83 4.63
N LEU A 43 25.70 -15.47 3.88
CA LEU A 43 25.56 -14.54 2.76
C LEU A 43 24.46 -15.02 1.81
N LEU A 44 23.67 -14.08 1.30
CA LEU A 44 22.65 -14.44 0.31
C LEU A 44 23.26 -14.31 -1.07
N THR A 45 23.38 -15.44 -1.75
CA THR A 45 24.12 -15.53 -3.01
C THR A 45 23.29 -16.28 -4.05
N PRO A 46 23.61 -16.09 -5.33
CA PRO A 46 22.99 -16.90 -6.38
C PRO A 46 23.13 -18.39 -6.08
N ASP A 47 24.29 -18.83 -5.58
CA ASP A 47 24.45 -20.25 -5.30
C ASP A 47 23.51 -20.76 -4.21
N ALA A 48 23.32 -19.95 -3.16
CA ALA A 48 22.42 -20.31 -2.07
C ALA A 48 20.97 -20.41 -2.56
N LEU A 49 20.63 -19.59 -3.56
CA LEU A 49 19.28 -19.57 -4.13
C LEU A 49 19.02 -20.66 -5.17
N ALA A 50 20.09 -21.29 -5.64
CA ALA A 50 20.00 -22.24 -6.75
C ALA A 50 19.10 -23.50 -6.57
N PRO A 51 19.18 -24.19 -5.42
CA PRO A 51 18.53 -25.50 -5.26
C PRO A 51 17.05 -25.43 -4.92
N TRP A 52 16.37 -24.43 -5.44
CA TRP A 52 14.94 -24.26 -5.16
C TRP A 52 14.19 -24.02 -6.44
N SER A 53 12.95 -24.51 -6.53
CA SER A 53 12.09 -24.25 -7.69
C SER A 53 11.43 -22.87 -7.63
N ARG A 54 11.37 -22.32 -6.42
CA ARG A 54 10.74 -21.03 -6.19
C ARG A 54 11.26 -20.52 -4.87
N VAL A 55 11.63 -19.23 -4.81
CA VAL A 55 12.00 -18.61 -3.54
C VAL A 55 11.12 -17.39 -3.27
N GLN A 56 10.65 -17.25 -2.03
CA GLN A 56 9.81 -16.10 -1.67
C GLN A 56 10.53 -15.22 -0.68
N ALA A 57 10.22 -13.92 -0.70
CA ALA A 57 10.71 -13.00 0.34
C ALA A 57 9.61 -12.03 0.65
N LYS A 58 9.37 -11.78 1.94
CA LYS A 58 8.44 -10.73 2.36
C LYS A 58 9.23 -9.63 3.07
N ILE A 59 9.13 -8.40 2.58
CA ILE A 59 9.92 -7.30 3.14
C ILE A 59 9.03 -6.13 3.50
N ALA A 60 9.46 -5.36 4.50
CA ALA A 60 8.75 -4.12 4.81
C ALA A 60 8.79 -3.20 3.59
N ALA A 61 7.66 -2.57 3.26
CA ALA A 61 7.62 -1.66 2.11
C ALA A 61 8.60 -0.48 2.25
N SER A 62 8.92 -0.10 3.49
CA SER A 62 9.86 1.00 3.73
C SER A 62 11.30 0.60 3.46
N ASN A 63 11.58 -0.69 3.39
CA ASN A 63 12.96 -1.14 3.31
C ASN A 63 13.42 -1.26 1.86
N THR A 64 13.79 -0.13 1.28
CA THR A 64 14.20 -0.11 -0.12
C THR A 64 15.57 -0.76 -0.30
N GLY A 65 16.38 -0.79 0.77
CA GLY A 65 17.69 -1.47 0.72
C GLY A 65 17.53 -2.95 0.46
N GLU A 66 16.59 -3.59 1.16
CA GLU A 66 16.28 -4.99 0.95
C GLU A 66 15.62 -5.20 -0.41
N LEU A 67 14.76 -4.27 -0.82
CA LEU A 67 14.11 -4.39 -2.10
C LEU A 67 15.17 -4.49 -3.17
N ASP A 68 16.11 -3.56 -3.16
CA ASP A 68 17.10 -3.54 -4.23
C ASP A 68 18.13 -4.66 -4.14
N ALA A 69 18.42 -5.11 -2.92
CA ALA A 69 19.27 -6.30 -2.77
C ALA A 69 18.62 -7.51 -3.43
N LEU A 70 17.32 -7.67 -3.22
CA LEU A 70 16.62 -8.82 -3.77
C LEU A 70 16.45 -8.67 -5.28
N GLN A 71 16.19 -7.44 -5.74
CA GLN A 71 16.02 -7.24 -7.19
C GLN A 71 17.33 -7.50 -7.93
N GLN A 72 18.45 -7.18 -7.29
CA GLN A 72 19.76 -7.51 -7.86
C GLN A 72 19.95 -9.02 -8.01
N LEU A 73 19.27 -9.79 -7.16
CA LEU A 73 19.36 -11.24 -7.24
C LEU A 73 18.25 -11.85 -8.09
N GLY A 74 17.49 -11.00 -8.77
CA GLY A 74 16.50 -11.47 -9.72
C GLY A 74 15.10 -11.70 -9.19
N PHE A 75 14.82 -11.23 -7.96
CA PHE A 75 13.46 -11.30 -7.43
C PHE A 75 12.55 -10.26 -8.10
N SER A 76 11.27 -10.61 -8.23
CA SER A 76 10.28 -9.72 -8.84
C SER A 76 9.11 -9.52 -7.90
N LEU A 77 8.47 -8.36 -7.98
CA LEU A 77 7.28 -8.10 -7.19
C LEU A 77 6.14 -9.02 -7.58
N VAL A 78 5.48 -9.58 -6.57
CA VAL A 78 4.27 -10.34 -6.82
C VAL A 78 3.09 -9.51 -6.33
N GLU A 79 3.18 -9.00 -5.11
CA GLU A 79 2.13 -8.10 -4.64
C GLU A 79 2.50 -7.45 -3.34
N GLY A 80 1.79 -6.38 -3.03
CA GLY A 80 1.93 -5.66 -1.77
C GLY A 80 0.77 -5.96 -0.82
N GLU A 81 1.04 -5.84 0.48
CA GLU A 81 0.04 -6.12 1.50
C GLU A 81 -0.01 -4.96 2.48
N VAL A 82 -1.20 -4.70 2.99
CA VAL A 82 -1.35 -3.72 4.05
C VAL A 82 -1.98 -4.46 5.22
N ASP A 83 -1.41 -4.34 6.41
CA ASP A 83 -2.01 -4.93 7.62
C ASP A 83 -2.57 -3.79 8.45
N LEU A 84 -3.80 -3.98 8.93
CA LEU A 84 -4.53 -2.93 9.65
C LEU A 84 -5.00 -3.48 10.99
N ALA A 85 -5.36 -2.59 11.90
CA ALA A 85 -5.98 -3.02 13.16
C ALA A 85 -7.05 -2.03 13.57
N LEU A 86 -8.06 -2.54 14.28
CA LEU A 86 -9.05 -1.66 14.90
C LEU A 86 -9.35 -2.12 16.32
N PRO A 87 -9.71 -1.17 17.19
CA PRO A 87 -10.13 -1.54 18.54
C PRO A 87 -11.46 -2.27 18.53
N VAL A 88 -11.62 -3.20 19.47
CA VAL A 88 -12.88 -3.89 19.63
C VAL A 88 -13.61 -3.14 20.75
N ASN A 89 -14.68 -2.44 20.38
CA ASN A 89 -15.38 -1.56 21.33
C ASN A 89 -16.84 -1.96 21.41
N ASN A 90 -17.67 -1.13 20.79
CA ASN A 90 -19.13 -1.20 20.79
C ASN A 90 -19.67 -2.29 19.83
N VAL A 91 -19.89 -3.50 20.34
CA VAL A 91 -20.25 -4.61 19.45
C VAL A 91 -21.73 -4.99 19.46
N SER A 92 -22.16 -5.68 18.40
CA SER A 92 -23.51 -6.19 18.30
C SER A 92 -23.58 -7.44 17.42
N ASP A 93 -24.79 -7.97 17.30
CA ASP A 93 -25.03 -9.26 16.67
C ASP A 93 -25.58 -9.09 15.25
N SER A 94 -24.79 -9.52 14.26
CA SER A 94 -25.19 -9.45 12.87
C SER A 94 -26.17 -10.54 12.47
N GLY A 95 -26.29 -11.56 13.31
CA GLY A 95 -27.13 -12.72 12.99
C GLY A 95 -26.33 -13.82 12.28
N ALA A 96 -25.04 -13.59 12.11
CA ALA A 96 -24.15 -14.59 11.52
C ALA A 96 -24.15 -15.91 12.29
N VAL A 97 -23.90 -16.99 11.56
CA VAL A 97 -23.88 -18.32 12.16
C VAL A 97 -22.53 -18.98 11.94
N VAL A 98 -22.18 -19.94 12.79
CA VAL A 98 -20.94 -20.67 12.64
C VAL A 98 -21.12 -21.66 11.50
N ALA A 99 -20.19 -21.63 10.56
CA ALA A 99 -20.19 -22.57 9.44
C ALA A 99 -20.05 -24.01 9.93
N GLN A 100 -20.74 -24.91 9.23
CA GLN A 100 -20.78 -26.34 9.55
C GLN A 100 -20.19 -27.15 8.40
N GLU A 101 -19.93 -28.43 8.63
CA GLU A 101 -19.36 -29.28 7.59
C GLU A 101 -20.15 -29.24 6.30
N THR A 102 -21.48 -29.17 6.40
CA THR A 102 -22.35 -29.13 5.21
C THR A 102 -22.15 -27.87 4.34
N ASP A 103 -21.55 -26.82 4.93
CA ASP A 103 -21.31 -25.56 4.20
C ASP A 103 -19.98 -25.59 3.42
N ILE A 104 -19.15 -26.60 3.72
CA ILE A 104 -17.82 -26.64 3.12
C ILE A 104 -17.79 -26.61 1.58
N PRO A 105 -18.55 -27.46 0.88
CA PRO A 105 -18.51 -27.39 -0.60
C PRO A 105 -18.82 -25.98 -1.15
N ALA A 106 -19.86 -25.34 -0.63
CA ALA A 106 -20.24 -23.98 -1.12
C ALA A 106 -19.17 -22.95 -0.82
N LEU A 107 -18.61 -23.02 0.40
CA LEU A 107 -17.58 -22.08 0.81
C LEU A 107 -16.30 -22.26 0.01
N ARG A 108 -15.91 -23.51 -0.26
CA ARG A 108 -14.73 -23.77 -1.09
C ARG A 108 -14.93 -23.16 -2.47
N GLN A 109 -16.11 -23.37 -3.05
CA GLN A 109 -16.45 -22.80 -4.35
C GLN A 109 -16.34 -21.27 -4.32
N LEU A 110 -16.92 -20.62 -3.30
CA LEU A 110 -16.89 -19.17 -3.21
C LEU A 110 -15.47 -18.64 -3.03
N ALA A 111 -14.72 -19.26 -2.13
CA ALA A 111 -13.39 -18.76 -1.79
C ALA A 111 -12.41 -18.95 -2.94
N SER A 112 -12.50 -20.09 -3.63
CA SER A 112 -11.63 -20.32 -4.79
C SER A 112 -11.80 -19.22 -5.84
N ALA A 113 -13.05 -18.81 -6.05
CA ALA A 113 -13.35 -17.76 -7.03
C ALA A 113 -12.98 -16.35 -6.56
N ALA A 114 -13.31 -16.02 -5.31
CA ALA A 114 -13.14 -14.65 -4.80
C ALA A 114 -11.69 -14.22 -4.67
N PHE A 115 -10.81 -15.18 -4.37
CA PHE A 115 -9.42 -14.86 -4.03
C PHE A 115 -8.44 -15.30 -5.10
N ALA A 116 -8.92 -15.30 -6.35
CA ALA A 116 -8.18 -15.82 -7.49
C ALA A 116 -6.85 -15.15 -7.75
N GLN A 117 -6.82 -13.81 -7.67
CA GLN A 117 -5.64 -13.04 -8.06
C GLN A 117 -4.66 -12.83 -6.91
N SER A 118 -4.44 -13.91 -6.19
CA SER A 118 -3.62 -13.91 -5.01
C SER A 118 -2.14 -14.01 -5.40
N ARG A 119 -1.29 -14.10 -4.39
CA ARG A 119 0.13 -14.26 -4.62
C ARG A 119 0.52 -15.69 -5.06
N PHE A 120 -0.49 -16.54 -5.24
CA PHE A 120 -0.26 -17.88 -5.78
C PHE A 120 -0.78 -18.00 -7.21
N ARG A 121 -1.02 -16.85 -7.83
CA ARG A 121 -1.49 -16.80 -9.20
C ARG A 121 -0.43 -17.30 -10.17
N ALA A 122 -0.90 -17.81 -11.31
CA ALA A 122 -0.01 -17.98 -12.46
C ALA A 122 0.53 -16.58 -12.82
N PRO A 123 1.78 -16.45 -13.30
CA PRO A 123 2.68 -17.54 -13.69
C PRO A 123 3.54 -18.18 -12.57
N TRP A 124 3.39 -17.69 -11.35
CA TRP A 124 4.27 -18.13 -10.26
C TRP A 124 4.01 -19.56 -9.81
N TYR A 125 2.74 -19.93 -9.85
CA TYR A 125 2.30 -21.28 -9.46
C TYR A 125 1.43 -21.83 -10.57
N ALA A 126 1.15 -23.13 -10.49
CA ALA A 126 0.24 -23.81 -11.44
C ALA A 126 -1.11 -23.09 -11.47
N PRO A 127 -1.80 -23.14 -12.60
CA PRO A 127 -3.07 -22.42 -12.72
C PRO A 127 -4.11 -22.71 -11.62
N ASP A 128 -4.15 -23.94 -11.12
CA ASP A 128 -5.16 -24.33 -10.13
C ASP A 128 -4.73 -24.04 -8.68
N ALA A 129 -3.49 -23.60 -8.50
CA ALA A 129 -2.88 -23.47 -7.17
C ALA A 129 -3.62 -22.51 -6.25
N SER A 130 -3.92 -21.31 -6.75
CA SER A 130 -4.58 -20.29 -5.93
C SER A 130 -5.96 -20.76 -5.45
N GLY A 131 -6.76 -21.31 -6.36
CA GLY A 131 -8.09 -21.84 -5.98
C GLY A 131 -8.01 -22.92 -4.93
N ARG A 132 -7.09 -23.87 -5.12
CA ARG A 132 -6.84 -24.94 -4.15
C ARG A 132 -6.47 -24.37 -2.79
N PHE A 133 -5.59 -23.38 -2.79
CA PHE A 133 -5.09 -22.79 -1.55
C PHE A 133 -6.22 -22.14 -0.76
N TYR A 134 -7.01 -21.30 -1.43
CA TYR A 134 -8.07 -20.57 -0.72
C TYR A 134 -9.25 -21.43 -0.34
N ALA A 135 -9.53 -22.46 -1.14
CA ALA A 135 -10.53 -23.44 -0.74
C ALA A 135 -10.06 -24.20 0.51
N GLN A 136 -8.77 -24.59 0.54
CA GLN A 136 -8.23 -25.25 1.75
C GLN A 136 -8.28 -24.34 2.97
N TRP A 137 -7.97 -23.06 2.78
CA TRP A 137 -8.00 -22.04 3.85
C TRP A 137 -9.37 -21.99 4.48
N ILE A 138 -10.41 -21.84 3.64
CA ILE A 138 -11.74 -21.68 4.20
C ILE A 138 -12.24 -22.99 4.81
N GLU A 139 -11.88 -24.12 4.20
CA GLU A 139 -12.23 -25.41 4.79
C GLU A 139 -11.61 -25.58 6.18
N ASN A 140 -10.34 -25.21 6.31
CA ASN A 140 -9.63 -25.32 7.59
C ASN A 140 -10.34 -24.49 8.65
N ALA A 141 -10.81 -23.31 8.27
CA ALA A 141 -11.54 -22.45 9.19
C ALA A 141 -12.83 -23.12 9.64
N VAL A 142 -13.60 -23.70 8.70
CA VAL A 142 -14.85 -24.38 9.06
C VAL A 142 -14.57 -25.51 10.05
N ARG A 143 -13.46 -26.23 9.81
CA ARG A 143 -13.12 -27.40 10.60
C ARG A 143 -12.32 -27.04 11.84
N GLY A 144 -12.27 -25.75 12.15
CA GLY A 144 -11.62 -25.28 13.35
C GLY A 144 -12.50 -25.37 14.58
N THR A 145 -11.90 -25.10 15.72
CA THR A 145 -12.57 -25.11 17.00
C THR A 145 -12.94 -23.68 17.35
N PHE A 146 -13.21 -23.44 18.63
CA PHE A 146 -13.55 -22.10 19.10
C PHE A 146 -12.49 -21.04 18.77
N ASP A 147 -11.25 -21.48 18.54
CA ASP A 147 -10.12 -20.56 18.31
C ASP A 147 -9.99 -20.13 16.84
N HIS A 148 -10.71 -20.81 15.95
CA HIS A 148 -10.51 -20.62 14.51
C HIS A 148 -11.79 -21.06 13.81
N GLN A 149 -12.57 -20.09 13.33
CA GLN A 149 -13.89 -20.36 12.79
C GLN A 149 -14.17 -19.63 11.49
N CYS A 150 -15.13 -20.16 10.74
CA CYS A 150 -15.72 -19.44 9.62
C CYS A 150 -17.15 -19.12 10.04
N LEU A 151 -17.51 -17.85 9.94
CA LEU A 151 -18.85 -17.39 10.25
C LEU A 151 -19.52 -16.98 8.93
N ILE A 152 -20.81 -17.31 8.81
CA ILE A 152 -21.61 -17.07 7.62
C ILE A 152 -22.76 -16.10 7.90
N LEU A 153 -22.92 -15.11 7.02
CA LEU A 153 -24.13 -14.30 6.96
C LEU A 153 -25.03 -14.90 5.93
N ARG A 154 -26.28 -15.16 6.32
CA ARG A 154 -27.29 -15.75 5.45
C ARG A 154 -28.18 -14.69 4.84
N ALA A 155 -28.57 -14.89 3.58
CA ALA A 155 -29.68 -14.14 3.00
C ALA A 155 -30.97 -14.78 3.53
N ALA A 156 -32.10 -14.10 3.33
CA ALA A 156 -33.40 -14.65 3.75
C ALA A 156 -33.70 -15.99 3.08
N SER A 157 -33.16 -16.20 1.88
CA SER A 157 -33.28 -17.49 1.21
C SER A 157 -32.51 -18.63 1.89
N GLY A 158 -31.59 -18.28 2.79
CA GLY A 158 -30.69 -19.26 3.40
C GLY A 158 -29.36 -19.39 2.67
N ASP A 159 -29.25 -18.69 1.54
CA ASP A 159 -28.02 -18.68 0.74
C ASP A 159 -26.93 -17.99 1.54
N ILE A 160 -25.67 -18.25 1.20
CA ILE A 160 -24.57 -17.52 1.82
C ILE A 160 -24.46 -16.13 1.21
N ARG A 161 -24.69 -15.12 2.06
CA ARG A 161 -24.53 -13.72 1.63
C ARG A 161 -23.08 -13.26 1.78
N GLY A 162 -22.43 -13.73 2.84
CA GLY A 162 -21.01 -13.41 3.02
C GLY A 162 -20.41 -14.35 4.05
N TYR A 163 -19.08 -14.34 4.13
CA TYR A 163 -18.40 -15.16 5.13
C TYR A 163 -17.13 -14.48 5.62
N VAL A 164 -16.70 -14.83 6.82
CA VAL A 164 -15.47 -14.28 7.35
C VAL A 164 -14.81 -15.35 8.21
N SER A 165 -13.50 -15.56 8.02
CA SER A 165 -12.77 -16.50 8.87
C SER A 165 -12.01 -15.70 9.93
N LEU A 166 -11.92 -16.28 11.13
CA LEU A 166 -11.37 -15.59 12.29
C LEU A 166 -10.46 -16.52 13.08
N ARG A 167 -9.38 -15.98 13.61
CA ARG A 167 -8.50 -16.75 14.49
C ARG A 167 -8.09 -15.93 15.73
N GLU A 168 -8.07 -16.57 16.89
CA GLU A 168 -7.46 -15.96 18.06
C GLU A 168 -5.94 -15.98 17.92
N LEU A 169 -5.30 -14.83 18.11
CA LEU A 169 -3.84 -14.75 18.04
C LEU A 169 -3.12 -14.88 19.39
N ASN A 170 -3.62 -14.15 20.38
CA ASN A 170 -2.94 -14.00 21.66
C ASN A 170 -3.95 -13.44 22.66
N ALA A 171 -3.50 -13.06 23.84
CA ALA A 171 -4.42 -12.65 24.90
C ALA A 171 -5.31 -11.47 24.52
N THR A 172 -4.81 -10.60 23.62
CA THR A 172 -5.50 -9.36 23.27
C THR A 172 -6.06 -9.27 21.85
N ASP A 173 -5.59 -10.13 20.95
CA ASP A 173 -5.84 -9.93 19.51
C ASP A 173 -6.58 -11.07 18.82
N ALA A 174 -7.46 -10.72 17.88
CA ALA A 174 -7.99 -11.69 16.92
C ALA A 174 -7.65 -11.18 15.52
N ARG A 175 -7.70 -12.09 14.54
CA ARG A 175 -7.36 -11.71 13.16
C ARG A 175 -8.38 -12.24 12.17
N ILE A 176 -8.80 -11.39 11.24
CA ILE A 176 -9.66 -11.81 10.12
C ILE A 176 -8.71 -12.41 9.09
N GLY A 177 -9.04 -13.60 8.60
CA GLY A 177 -8.27 -14.23 7.50
C GLY A 177 -8.88 -13.87 6.15
N LEU A 178 -9.98 -14.55 5.80
CA LEU A 178 -10.72 -14.24 4.58
C LEU A 178 -12.01 -13.52 4.94
N LEU A 179 -12.44 -12.60 4.08
CA LEU A 179 -13.68 -11.88 4.31
C LEU A 179 -14.22 -11.52 2.95
N ALA A 180 -15.44 -11.97 2.65
CA ALA A 180 -16.02 -11.75 1.34
C ALA A 180 -17.53 -11.78 1.36
N GLY A 181 -18.14 -10.90 0.57
CA GLY A 181 -19.59 -10.84 0.50
C GLY A 181 -19.97 -9.50 -0.07
N ARG A 182 -20.33 -9.50 -1.35
CA ARG A 182 -20.66 -8.27 -2.05
C ARG A 182 -21.82 -7.61 -1.32
N GLY A 183 -21.64 -6.34 -0.95
CA GLY A 183 -22.68 -5.58 -0.28
C GLY A 183 -22.85 -5.91 1.20
N ALA A 184 -21.92 -6.70 1.74
CA ALA A 184 -22.03 -7.22 3.11
C ALA A 184 -20.83 -6.81 3.98
N GLY A 185 -20.00 -5.90 3.47
CA GLY A 185 -18.81 -5.49 4.21
C GLY A 185 -19.08 -5.04 5.64
N ALA A 186 -20.08 -4.18 5.80
CA ALA A 186 -20.38 -3.61 7.13
C ALA A 186 -20.76 -4.72 8.12
N GLU A 187 -21.60 -5.62 7.64
CA GLU A 187 -22.16 -6.70 8.46
C GLU A 187 -21.09 -7.73 8.81
N LEU A 188 -20.15 -7.93 7.88
CA LEU A 188 -19.05 -8.86 8.13
C LEU A 188 -18.06 -8.28 9.13
N MET A 189 -17.81 -6.98 9.07
CA MET A 189 -16.98 -6.35 10.09
C MET A 189 -17.68 -6.42 11.47
N GLN A 190 -18.99 -6.20 11.50
CA GLN A 190 -19.76 -6.31 12.75
C GLN A 190 -19.59 -7.71 13.36
N THR A 191 -19.72 -8.73 12.50
CA THR A 191 -19.54 -10.12 12.86
C THR A 191 -18.16 -10.36 13.47
N ALA A 192 -17.12 -9.88 12.79
CA ALA A 192 -15.77 -10.07 13.26
C ALA A 192 -15.57 -9.41 14.63
N LEU A 193 -16.06 -8.19 14.79
CA LEU A 193 -15.84 -7.46 16.04
C LEU A 193 -16.53 -8.17 17.19
N ASN A 194 -17.73 -8.66 16.92
CA ASN A 194 -18.48 -9.42 17.93
C ASN A 194 -17.78 -10.71 18.36
N TRP A 195 -17.22 -11.41 17.38
CA TRP A 195 -16.48 -12.64 17.64
C TRP A 195 -15.27 -12.36 18.53
N ALA A 196 -14.55 -11.29 18.23
CA ALA A 196 -13.38 -10.92 19.00
C ALA A 196 -13.78 -10.54 20.44
N TYR A 197 -14.87 -9.78 20.55
CA TYR A 197 -15.40 -9.36 21.86
C TYR A 197 -15.76 -10.57 22.73
N ALA A 198 -16.42 -11.54 22.12
CA ALA A 198 -16.83 -12.77 22.81
C ALA A 198 -15.64 -13.51 23.46
N ARG A 199 -14.45 -13.26 22.95
CA ARG A 199 -13.22 -13.87 23.47
C ARG A 199 -12.35 -12.93 24.28
N GLY A 200 -12.90 -11.77 24.63
CA GLY A 200 -12.20 -10.80 25.45
C GLY A 200 -10.99 -10.23 24.74
N LYS A 201 -11.05 -10.17 23.42
CA LYS A 201 -9.98 -9.56 22.65
C LYS A 201 -10.24 -8.06 22.50
N THR A 202 -9.16 -7.27 22.58
CA THR A 202 -9.24 -5.80 22.54
C THR A 202 -8.95 -5.27 21.14
N THR A 203 -8.27 -6.08 20.34
CA THR A 203 -7.75 -5.61 19.05
C THR A 203 -8.11 -6.61 17.96
N LEU A 204 -8.60 -6.10 16.83
CA LEU A 204 -8.86 -6.95 15.68
C LEU A 204 -7.91 -6.54 14.55
N ARG A 205 -7.26 -7.54 13.95
CA ARG A 205 -6.27 -7.28 12.88
C ARG A 205 -6.78 -7.85 11.57
N VAL A 206 -6.38 -7.21 10.47
CA VAL A 206 -6.78 -7.70 9.17
C VAL A 206 -5.81 -7.17 8.12
N ALA A 207 -5.32 -8.09 7.32
CA ALA A 207 -4.46 -7.73 6.17
C ALA A 207 -5.19 -7.90 4.86
N THR A 208 -4.81 -7.10 3.87
CA THR A 208 -5.39 -7.19 2.55
C THR A 208 -4.35 -6.78 1.51
N GLN A 209 -4.60 -7.12 0.25
CA GLN A 209 -3.69 -6.70 -0.82
C GLN A 209 -3.76 -5.21 -1.05
N MET A 210 -2.62 -4.62 -1.40
CA MET A 210 -2.57 -3.19 -1.67
C MET A 210 -3.54 -2.73 -2.76
N GLY A 211 -3.83 -3.60 -3.72
CA GLY A 211 -4.72 -3.24 -4.79
C GLY A 211 -6.20 -3.32 -4.42
N ASN A 212 -6.50 -3.86 -3.24
CA ASN A 212 -7.89 -4.09 -2.86
C ASN A 212 -8.46 -2.86 -2.18
N THR A 213 -8.74 -1.84 -2.99
CA THR A 213 -9.23 -0.57 -2.43
C THR A 213 -10.62 -0.69 -1.80
N ALA A 214 -11.46 -1.59 -2.32
CA ALA A 214 -12.78 -1.81 -1.69
C ALA A 214 -12.61 -2.34 -0.26
N ALA A 215 -11.70 -3.28 -0.05
CA ALA A 215 -11.44 -3.80 1.31
C ALA A 215 -10.82 -2.72 2.19
N LEU A 216 -9.79 -2.07 1.66
CA LEU A 216 -9.16 -0.97 2.42
C LEU A 216 -10.19 0.06 2.89
N LYS A 217 -11.09 0.47 2.00
CA LYS A 217 -12.08 1.50 2.34
C LYS A 217 -13.02 1.01 3.42
N ARG A 218 -13.44 -0.24 3.30
CA ARG A 218 -14.32 -0.83 4.31
C ARG A 218 -13.64 -0.90 5.68
N TYR A 219 -12.39 -1.36 5.71
CA TYR A 219 -11.69 -1.48 6.99
C TYR A 219 -11.49 -0.11 7.63
N ILE A 220 -11.13 0.88 6.82
CA ILE A 220 -10.94 2.23 7.37
C ILE A 220 -12.27 2.84 7.82
N GLN A 221 -13.33 2.62 7.05
CA GLN A 221 -14.68 3.06 7.44
C GLN A 221 -15.07 2.51 8.81
N SER A 222 -14.56 1.32 9.10
CA SER A 222 -14.88 0.58 10.33
C SER A 222 -14.04 0.99 11.53
N GLY A 223 -13.09 1.89 11.29
CA GLY A 223 -12.22 2.41 12.34
C GLY A 223 -10.82 1.82 12.35
N ALA A 224 -10.45 1.10 11.27
CA ALA A 224 -9.11 0.50 11.23
C ALA A 224 -8.05 1.52 10.83
N ASN A 225 -6.83 1.31 11.31
CA ASN A 225 -5.71 2.14 10.83
C ASN A 225 -4.58 1.22 10.42
N VAL A 226 -3.64 1.77 9.66
CA VAL A 226 -2.56 0.97 9.11
C VAL A 226 -1.53 0.65 10.18
N GLU A 227 -1.12 -0.62 10.26
CA GLU A 227 -0.09 -1.06 11.18
C GLU A 227 1.24 -1.34 10.46
N SER A 228 1.15 -2.00 9.31
CA SER A 228 2.38 -2.29 8.55
C SER A 228 2.07 -2.46 7.06
N THR A 229 3.11 -2.37 6.25
CA THR A 229 2.98 -2.59 4.81
C THR A 229 4.19 -3.39 4.34
N ALA A 230 3.96 -4.25 3.36
CA ALA A 230 4.99 -5.21 2.95
C ALA A 230 4.91 -5.52 1.47
N TYR A 231 6.03 -5.98 0.89
CA TYR A 231 6.00 -6.58 -0.47
C TYR A 231 6.37 -8.05 -0.42
N TRP A 232 5.66 -8.85 -1.21
CA TRP A 232 6.06 -10.23 -1.52
C TRP A 232 6.81 -10.18 -2.84
N LEU A 233 8.05 -10.66 -2.85
CA LEU A 233 8.85 -10.79 -4.08
C LEU A 233 9.21 -12.25 -4.24
N TYR A 234 9.13 -12.76 -5.48
CA TYR A 234 9.51 -14.15 -5.74
C TYR A 234 10.63 -14.20 -6.76
N ARG A 235 11.41 -15.28 -6.68
CA ARG A 235 12.40 -15.66 -7.71
C ARG A 235 12.01 -17.04 -8.26
N VAL B 14 0.80 -5.51 -24.29
CA VAL B 14 0.62 -4.10 -23.80
C VAL B 14 0.95 -3.09 -24.90
N ARG B 15 0.07 -2.11 -25.06
CA ARG B 15 0.26 -1.02 -25.99
C ARG B 15 0.40 0.25 -25.16
N ALA B 16 1.36 1.09 -25.51
CA ALA B 16 1.63 2.30 -24.75
C ALA B 16 2.45 3.28 -25.58
N SER B 17 2.21 4.57 -25.35
CA SER B 17 3.06 5.63 -25.89
C SER B 17 4.26 5.79 -24.96
N ILE B 18 5.37 6.24 -25.53
CA ILE B 18 6.56 6.53 -24.74
C ILE B 18 6.86 7.99 -25.01
N GLU B 19 6.85 8.83 -23.97
CA GLU B 19 7.09 10.25 -24.18
C GLU B 19 8.12 10.79 -23.20
N PRO B 20 9.01 11.70 -23.65
CA PRO B 20 10.04 12.22 -22.78
C PRO B 20 9.45 12.96 -21.60
N LEU B 21 10.07 12.82 -20.44
CA LEU B 21 9.70 13.60 -19.27
C LEU B 21 10.52 14.89 -19.31
N THR B 22 10.03 15.86 -20.07
CA THR B 22 10.83 17.03 -20.42
C THR B 22 11.35 17.83 -19.23
N TRP B 23 10.46 18.13 -18.28
CA TRP B 23 10.82 18.87 -17.07
C TRP B 23 11.88 18.12 -16.27
N GLU B 24 11.62 16.86 -15.96
CA GLU B 24 12.55 16.06 -15.15
C GLU B 24 13.91 15.92 -15.83
N ASN B 25 13.91 15.78 -17.14
CA ASN B 25 15.14 15.64 -17.90
C ASN B 25 16.04 16.86 -17.73
N ALA B 26 15.44 18.05 -17.79
CA ALA B 26 16.19 19.29 -17.59
C ALA B 26 16.66 19.45 -16.13
N PHE B 27 15.80 19.06 -15.19
CA PHE B 27 16.12 19.20 -13.79
C PHE B 27 17.17 18.23 -13.30
N PHE B 28 17.05 16.97 -13.71
CA PHE B 28 17.95 15.92 -13.22
C PHE B 28 19.17 15.75 -14.11
N GLY B 29 19.06 16.21 -15.35
CA GLY B 29 20.14 15.97 -16.32
C GLY B 29 20.15 14.51 -16.71
N VAL B 30 18.98 14.00 -17.07
CA VAL B 30 18.84 12.61 -17.49
C VAL B 30 17.99 12.54 -18.76
N ASN B 31 18.06 11.40 -19.43
CA ASN B 31 17.28 11.13 -20.61
C ASN B 31 16.17 10.12 -20.28
N SER B 32 15.06 10.61 -19.73
CA SER B 32 14.01 9.71 -19.26
C SER B 32 12.68 9.89 -19.99
N ALA B 33 11.88 8.83 -19.99
CA ALA B 33 10.56 8.87 -20.60
C ALA B 33 9.56 8.18 -19.69
N ILE B 34 8.28 8.41 -19.99
CA ILE B 34 7.21 7.76 -19.26
C ILE B 34 6.30 7.01 -20.21
N VAL B 35 5.87 5.83 -19.77
CA VAL B 35 4.99 4.96 -20.52
C VAL B 35 3.54 5.34 -20.20
N ARG B 36 2.69 5.39 -21.21
CA ARG B 36 1.27 5.62 -21.00
C ARG B 36 0.44 4.59 -21.77
N ILE B 37 -0.14 3.68 -21.00
CA ILE B 37 -0.85 2.52 -21.52
C ILE B 37 -2.24 2.94 -21.98
N THR B 38 -2.50 2.70 -23.27
CA THR B 38 -3.80 3.01 -23.90
C THR B 38 -4.02 2.04 -25.04
N SER B 39 -5.29 1.81 -25.38
CA SER B 39 -5.69 0.87 -26.43
C SER B 39 -5.14 1.25 -27.81
N GLU B 40 -5.03 2.55 -28.07
CA GLU B 40 -4.70 3.07 -29.40
C GLU B 40 -3.20 3.25 -29.69
N ALA B 41 -2.37 3.10 -28.66
CA ALA B 41 -0.94 3.37 -28.78
C ALA B 41 -0.19 2.25 -29.50
N PRO B 42 1.07 2.47 -29.91
CA PRO B 42 1.84 1.39 -30.52
C PRO B 42 2.19 0.31 -29.51
N LEU B 43 2.49 -0.90 -29.99
CA LEU B 43 2.92 -1.98 -29.12
C LEU B 43 4.15 -1.57 -28.33
N LEU B 44 4.13 -1.88 -27.04
CA LEU B 44 5.27 -1.61 -26.18
C LEU B 44 6.25 -2.78 -26.30
N THR B 45 7.42 -2.49 -26.85
CA THR B 45 8.43 -3.51 -27.18
C THR B 45 9.80 -3.14 -26.63
N PRO B 46 10.67 -4.13 -26.43
CA PRO B 46 12.05 -3.87 -26.01
C PRO B 46 12.75 -2.89 -26.94
N ASP B 47 12.52 -3.03 -28.25
CA ASP B 47 13.12 -2.12 -29.22
C ASP B 47 12.74 -0.67 -28.97
N ALA B 48 11.45 -0.42 -28.71
CA ALA B 48 10.95 0.92 -28.42
C ALA B 48 11.55 1.50 -27.13
N LEU B 49 11.74 0.63 -26.13
CA LEU B 49 12.27 1.07 -24.84
C LEU B 49 13.79 1.25 -24.79
N ALA B 50 14.49 0.52 -25.66
CA ALA B 50 15.95 0.37 -25.58
C ALA B 50 16.83 1.63 -25.39
N PRO B 51 16.63 2.70 -26.15
CA PRO B 51 17.61 3.80 -26.12
C PRO B 51 17.48 4.75 -24.93
N TRP B 52 16.37 4.64 -24.19
CA TRP B 52 16.11 5.54 -23.06
C TRP B 52 16.96 5.17 -21.86
N SER B 53 17.58 6.17 -21.24
CA SER B 53 18.38 5.97 -20.03
C SER B 53 17.48 5.44 -18.89
N ARG B 54 16.28 5.99 -18.79
CA ARG B 54 15.32 5.61 -17.74
C ARG B 54 13.93 5.63 -18.35
N VAL B 55 13.12 4.62 -18.05
CA VAL B 55 11.73 4.70 -18.41
C VAL B 55 10.89 4.42 -17.16
N GLN B 56 9.82 5.18 -17.01
CA GLN B 56 8.92 5.08 -15.84
C GLN B 56 7.54 4.61 -16.26
N ALA B 57 6.86 3.90 -15.38
CA ALA B 57 5.48 3.48 -15.62
C ALA B 57 4.78 3.53 -14.28
N LYS B 58 3.57 4.04 -14.26
CA LYS B 58 2.77 3.99 -13.02
C LYS B 58 1.49 3.22 -13.33
N ILE B 59 1.21 2.19 -12.53
CA ILE B 59 0.06 1.34 -12.79
C ILE B 59 -0.77 1.16 -11.52
N ALA B 60 -2.07 0.92 -11.68
CA ALA B 60 -2.91 0.59 -10.51
C ALA B 60 -2.39 -0.70 -9.87
N ALA B 61 -2.33 -0.71 -8.55
CA ALA B 61 -1.81 -1.87 -7.83
C ALA B 61 -2.71 -3.11 -8.01
N SER B 62 -3.94 -2.89 -8.41
CA SER B 62 -4.87 -4.00 -8.65
C SER B 62 -4.62 -4.66 -9.99
N ASN B 63 -3.86 -4.01 -10.85
CA ASN B 63 -3.72 -4.52 -12.21
C ASN B 63 -2.53 -5.46 -12.36
N THR B 64 -2.74 -6.72 -12.00
CA THR B 64 -1.65 -7.71 -12.03
C THR B 64 -1.25 -8.04 -13.47
N GLY B 65 -2.19 -7.91 -14.40
CA GLY B 65 -1.89 -8.12 -15.83
C GLY B 65 -0.82 -7.16 -16.31
N GLU B 66 -0.98 -5.88 -15.96
CA GLU B 66 0.01 -4.85 -16.31
C GLU B 66 1.33 -5.02 -15.60
N LEU B 67 1.26 -5.39 -14.32
CA LEU B 67 2.49 -5.68 -13.57
C LEU B 67 3.29 -6.76 -14.25
N ASP B 68 2.65 -7.88 -14.53
CA ASP B 68 3.33 -8.99 -15.19
C ASP B 68 3.87 -8.56 -16.55
N ALA B 69 3.04 -7.88 -17.34
CA ALA B 69 3.45 -7.46 -18.68
C ALA B 69 4.68 -6.54 -18.65
N LEU B 70 4.71 -5.60 -17.70
CA LEU B 70 5.83 -4.67 -17.58
C LEU B 70 7.08 -5.33 -17.02
N GLN B 71 6.90 -6.28 -16.10
CA GLN B 71 8.05 -7.05 -15.63
C GLN B 71 8.63 -7.90 -16.77
N GLN B 72 7.77 -8.34 -17.69
CA GLN B 72 8.23 -9.08 -18.86
C GLN B 72 8.84 -8.17 -19.94
N LEU B 73 8.86 -6.86 -19.66
CA LEU B 73 9.54 -5.87 -20.49
C LEU B 73 10.65 -5.17 -19.69
N GLY B 74 11.10 -5.83 -18.63
CA GLY B 74 12.30 -5.42 -17.92
C GLY B 74 12.12 -4.34 -16.87
N PHE B 75 10.88 -4.02 -16.51
CA PHE B 75 10.59 -3.03 -15.45
C PHE B 75 10.72 -3.63 -14.04
N SER B 76 11.16 -2.81 -13.09
CA SER B 76 11.29 -3.22 -11.68
C SER B 76 10.48 -2.30 -10.77
N LEU B 77 9.99 -2.82 -9.66
CA LEU B 77 9.37 -1.95 -8.65
C LEU B 77 10.34 -0.91 -8.09
N VAL B 78 9.90 0.34 -8.04
CA VAL B 78 10.59 1.38 -7.28
C VAL B 78 9.86 1.63 -5.95
N GLU B 79 8.57 1.94 -6.04
CA GLU B 79 7.76 2.09 -4.83
C GLU B 79 6.28 2.01 -5.11
N GLY B 80 5.51 1.74 -4.06
CA GLY B 80 4.06 1.79 -4.11
C GLY B 80 3.58 3.11 -3.54
N GLU B 81 2.41 3.57 -3.99
CA GLU B 81 1.83 4.87 -3.63
C GLU B 81 0.40 4.61 -3.18
N VAL B 82 -0.02 5.33 -2.14
CA VAL B 82 -1.43 5.33 -1.75
C VAL B 82 -1.92 6.76 -1.85
N ASP B 83 -3.06 6.95 -2.52
CA ASP B 83 -3.68 8.28 -2.62
C ASP B 83 -4.93 8.26 -1.79
N LEU B 84 -5.03 9.23 -0.88
CA LEU B 84 -6.15 9.32 0.06
C LEU B 84 -6.95 10.61 -0.15
N ALA B 85 -8.17 10.62 0.38
CA ALA B 85 -9.00 11.83 0.38
C ALA B 85 -9.62 12.01 1.75
N LEU B 86 -9.73 13.27 2.15
CA LEU B 86 -10.35 13.66 3.42
C LEU B 86 -11.51 14.61 3.17
N PRO B 87 -12.68 14.39 3.81
CA PRO B 87 -13.74 15.38 3.81
C PRO B 87 -13.27 16.67 4.46
N VAL B 88 -13.66 17.79 3.86
CA VAL B 88 -13.26 19.12 4.31
C VAL B 88 -14.44 19.80 5.01
N ASN B 89 -14.20 20.21 6.25
CA ASN B 89 -15.17 20.94 7.06
C ASN B 89 -14.50 22.08 7.82
N ASN B 90 -15.30 22.85 8.55
CA ASN B 90 -14.77 24.01 9.27
C ASN B 90 -14.02 23.61 10.54
N VAL B 91 -12.75 23.24 10.36
CA VAL B 91 -11.95 22.71 11.46
C VAL B 91 -11.29 23.79 12.28
N SER B 92 -11.28 25.01 11.77
CA SER B 92 -10.68 26.14 12.48
C SER B 92 -9.18 26.13 12.29
N ASP B 93 -8.54 27.28 12.52
CA ASP B 93 -7.15 27.43 12.15
C ASP B 93 -6.22 26.96 13.28
N SER B 94 -4.99 26.60 12.90
CA SER B 94 -3.99 26.07 13.82
C SER B 94 -2.97 27.13 14.26
N GLY B 95 -3.13 28.35 13.76
CA GLY B 95 -2.15 29.41 14.02
C GLY B 95 -1.02 29.42 13.02
N ALA B 96 -1.09 28.53 12.03
CA ALA B 96 -0.09 28.49 10.97
C ALA B 96 -0.04 29.80 10.20
N VAL B 97 1.15 30.13 9.70
CA VAL B 97 1.34 31.33 8.88
C VAL B 97 1.77 30.96 7.46
N VAL B 98 1.51 31.85 6.51
CA VAL B 98 1.93 31.68 5.13
C VAL B 98 3.44 31.94 5.01
N ALA B 99 4.15 30.99 4.41
CA ALA B 99 5.58 31.15 4.17
C ALA B 99 5.86 32.31 3.24
N GLN B 100 6.89 33.09 3.59
CA GLN B 100 7.35 34.20 2.77
C GLN B 100 8.63 33.84 2.05
N GLU B 101 9.01 34.64 1.05
CA GLU B 101 10.25 34.41 0.29
C GLU B 101 11.47 34.23 1.19
N THR B 102 11.50 34.91 2.33
CA THR B 102 12.60 34.78 3.30
C THR B 102 12.67 33.42 4.02
N ASP B 103 11.60 32.64 3.92
CA ASP B 103 11.58 31.30 4.51
C ASP B 103 12.14 30.23 3.57
N ILE B 104 12.34 30.57 2.30
CA ILE B 104 12.82 29.61 1.30
C ILE B 104 14.09 28.82 1.68
N PRO B 105 15.19 29.48 2.08
CA PRO B 105 16.39 28.72 2.46
C PRO B 105 16.14 27.69 3.56
N ALA B 106 15.38 28.07 4.59
CA ALA B 106 15.10 27.18 5.71
C ALA B 106 14.29 25.99 5.24
N LEU B 107 13.25 26.28 4.46
CA LEU B 107 12.34 25.25 3.95
C LEU B 107 13.04 24.31 2.97
N ARG B 108 13.84 24.85 2.06
CA ARG B 108 14.63 24.02 1.15
C ARG B 108 15.51 23.04 1.92
N GLN B 109 16.14 23.52 3.00
CA GLN B 109 17.00 22.69 3.83
C GLN B 109 16.21 21.56 4.48
N LEU B 110 15.08 21.92 5.10
CA LEU B 110 14.22 20.94 5.75
C LEU B 110 13.75 19.87 4.75
N ALA B 111 13.26 20.32 3.60
CA ALA B 111 12.67 19.43 2.62
C ALA B 111 13.71 18.48 2.02
N SER B 112 14.90 18.99 1.74
CA SER B 112 15.95 18.16 1.15
C SER B 112 16.35 17.02 2.09
N ALA B 113 16.33 17.30 3.39
CA ALA B 113 16.66 16.29 4.40
C ALA B 113 15.51 15.29 4.56
N ALA B 114 14.27 15.80 4.57
CA ALA B 114 13.07 14.98 4.83
C ALA B 114 12.61 14.10 3.67
N PHE B 115 12.88 14.53 2.44
CA PHE B 115 12.39 13.80 1.27
C PHE B 115 13.48 13.25 0.36
N ALA B 116 14.58 12.81 0.97
CA ALA B 116 15.70 12.20 0.24
C ALA B 116 15.36 10.81 -0.29
N GLN B 117 14.37 10.15 0.32
CA GLN B 117 14.05 8.78 -0.08
C GLN B 117 12.71 8.65 -0.82
N SER B 118 12.56 9.45 -1.86
CA SER B 118 11.38 9.41 -2.71
C SER B 118 11.62 8.40 -3.84
N ARG B 119 10.74 8.43 -4.82
CA ARG B 119 10.91 7.58 -6.00
C ARG B 119 12.03 8.08 -6.90
N PHE B 120 12.69 9.16 -6.50
CA PHE B 120 13.90 9.62 -7.20
C PHE B 120 15.17 9.24 -6.45
N ARG B 121 15.08 8.22 -5.62
CA ARG B 121 16.21 7.79 -4.83
C ARG B 121 17.26 7.05 -5.65
N ALA B 122 18.46 6.92 -5.08
CA ALA B 122 19.46 6.01 -5.62
C ALA B 122 18.88 4.59 -5.49
N PRO B 123 19.24 3.64 -6.36
CA PRO B 123 20.21 3.80 -7.46
C PRO B 123 19.61 4.31 -8.77
N TRP B 124 18.31 4.62 -8.76
CA TRP B 124 17.62 5.03 -9.97
C TRP B 124 18.06 6.41 -10.43
N TYR B 125 18.27 7.30 -9.46
CA TYR B 125 18.76 8.66 -9.73
C TYR B 125 19.98 8.94 -8.85
N ALA B 126 20.67 10.06 -9.11
CA ALA B 126 21.86 10.41 -8.33
C ALA B 126 21.51 10.61 -6.85
N PRO B 127 22.43 10.30 -5.93
CA PRO B 127 22.19 10.43 -4.50
C PRO B 127 21.51 11.74 -4.09
N ASP B 128 21.91 12.84 -4.70
CA ASP B 128 21.38 14.15 -4.30
C ASP B 128 20.09 14.57 -5.02
N ALA B 129 19.70 13.80 -6.03
CA ALA B 129 18.56 14.15 -6.89
C ALA B 129 17.24 14.33 -6.14
N SER B 130 16.94 13.44 -5.19
CA SER B 130 15.66 13.48 -4.48
C SER B 130 15.54 14.73 -3.61
N GLY B 131 16.60 15.01 -2.85
CA GLY B 131 16.66 16.22 -2.02
C GLY B 131 16.53 17.49 -2.83
N ARG B 132 17.18 17.50 -4.01
CA ARG B 132 17.11 18.64 -4.91
C ARG B 132 15.70 18.85 -5.42
N PHE B 133 15.06 17.75 -5.82
CA PHE B 133 13.71 17.80 -6.37
C PHE B 133 12.72 18.42 -5.38
N TYR B 134 12.78 17.94 -4.14
CA TYR B 134 11.82 18.38 -3.14
C TYR B 134 12.17 19.72 -2.50
N ALA B 135 13.45 20.07 -2.49
CA ALA B 135 13.83 21.44 -2.15
C ALA B 135 13.20 22.40 -3.17
N GLN B 136 13.26 22.04 -4.44
CA GLN B 136 12.68 22.88 -5.49
C GLN B 136 11.17 22.93 -5.35
N TRP B 137 10.57 21.79 -5.02
CA TRP B 137 9.11 21.70 -4.85
C TRP B 137 8.64 22.71 -3.81
N ILE B 138 9.27 22.70 -2.64
CA ILE B 138 8.84 23.57 -1.56
C ILE B 138 9.13 25.04 -1.86
N GLU B 139 10.22 25.31 -2.57
CA GLU B 139 10.48 26.69 -3.00
C GLU B 139 9.39 27.18 -3.94
N ASN B 140 8.99 26.33 -4.88
CA ASN B 140 7.94 26.67 -5.83
C ASN B 140 6.59 26.90 -5.14
N ALA B 141 6.35 26.17 -4.04
CA ALA B 141 5.11 26.34 -3.27
C ALA B 141 5.07 27.73 -2.63
N VAL B 142 6.19 28.15 -2.05
CA VAL B 142 6.30 29.49 -1.47
C VAL B 142 6.05 30.56 -2.54
N ARG B 143 6.63 30.37 -3.72
CA ARG B 143 6.51 31.33 -4.82
C ARG B 143 5.19 31.22 -5.58
N GLY B 144 4.45 30.13 -5.35
CA GLY B 144 3.14 29.95 -5.98
C GLY B 144 3.16 29.42 -7.41
N THR B 145 4.27 28.79 -7.82
CA THR B 145 4.44 28.34 -9.22
C THR B 145 4.17 26.85 -9.48
N PHE B 146 4.17 26.04 -8.41
CA PHE B 146 3.75 24.65 -8.52
C PHE B 146 2.54 24.46 -7.60
N ASP B 147 2.78 24.25 -6.31
CA ASP B 147 1.72 24.43 -5.31
C ASP B 147 1.45 25.93 -5.18
N HIS B 148 0.35 26.28 -4.52
CA HIS B 148 -0.07 27.68 -4.39
C HIS B 148 0.58 28.37 -3.19
N GLN B 149 0.55 27.71 -2.04
CA GLN B 149 1.17 28.27 -0.83
C GLN B 149 1.87 27.19 -0.01
N CYS B 150 2.83 27.61 0.80
CA CYS B 150 3.36 26.77 1.87
C CYS B 150 3.02 27.40 3.21
N LEU B 151 2.41 26.63 4.09
CA LEU B 151 2.04 27.13 5.41
C LEU B 151 2.98 26.58 6.46
N ILE B 152 3.31 27.40 7.46
CA ILE B 152 4.32 27.06 8.45
C ILE B 152 3.84 27.14 9.89
N LEU B 153 4.33 26.22 10.71
CA LEU B 153 4.19 26.30 12.16
C LEU B 153 5.55 26.59 12.74
N ARG B 154 5.59 27.50 13.71
CA ARG B 154 6.85 27.90 14.34
C ARG B 154 6.90 27.49 15.79
N ALA B 155 8.08 27.09 16.23
CA ALA B 155 8.32 26.82 17.65
C ALA B 155 8.48 28.14 18.40
N ALA B 156 8.56 28.07 19.73
CA ALA B 156 8.78 29.26 20.56
C ALA B 156 10.00 30.06 20.11
N SER B 157 11.07 29.34 19.74
CA SER B 157 12.31 29.95 19.23
C SER B 157 12.18 30.62 17.86
N GLY B 158 11.02 30.46 17.21
CA GLY B 158 10.80 31.01 15.88
C GLY B 158 11.21 30.06 14.77
N ASP B 159 11.88 28.96 15.12
CA ASP B 159 12.26 27.93 14.17
C ASP B 159 11.02 27.22 13.62
N ILE B 160 11.10 26.78 12.37
CA ILE B 160 10.02 26.03 11.73
C ILE B 160 9.92 24.63 12.34
N ARG B 161 8.75 24.29 12.87
CA ARG B 161 8.56 22.95 13.44
C ARG B 161 7.63 22.09 12.57
N GLY B 162 7.11 22.69 11.51
CA GLY B 162 6.24 21.98 10.57
C GLY B 162 5.86 22.84 9.39
N TYR B 163 5.64 22.19 8.25
CA TYR B 163 5.16 22.89 7.08
C TYR B 163 4.27 21.96 6.24
N VAL B 164 3.41 22.60 5.46
CA VAL B 164 2.53 21.90 4.53
C VAL B 164 2.25 22.79 3.33
N SER B 165 2.47 22.23 2.14
CA SER B 165 2.23 22.96 0.91
C SER B 165 0.92 22.48 0.30
N LEU B 166 0.18 23.41 -0.30
CA LEU B 166 -1.17 23.16 -0.77
C LEU B 166 -1.43 23.77 -2.13
N ARG B 167 -2.30 23.12 -2.92
CA ARG B 167 -2.82 23.72 -4.15
C ARG B 167 -4.28 23.36 -4.38
N GLU B 168 -4.99 24.22 -5.11
CA GLU B 168 -6.34 23.92 -5.57
C GLU B 168 -6.21 23.04 -6.80
N LEU B 169 -7.03 22.00 -6.87
CA LEU B 169 -7.06 21.10 -8.02
C LEU B 169 -8.17 21.44 -8.99
N ASN B 170 -9.36 21.67 -8.45
CA ASN B 170 -10.54 21.99 -9.23
C ASN B 170 -11.58 22.64 -8.33
N ALA B 171 -12.82 22.74 -8.81
CA ALA B 171 -13.87 23.39 -8.04
C ALA B 171 -14.08 22.80 -6.63
N THR B 172 -13.90 21.48 -6.51
CA THR B 172 -14.23 20.78 -5.27
C THR B 172 -13.02 20.32 -4.45
N ASP B 173 -11.85 20.21 -5.10
CA ASP B 173 -10.70 19.53 -4.46
C ASP B 173 -9.47 20.40 -4.25
N ALA B 174 -8.76 20.14 -3.15
CA ALA B 174 -7.41 20.67 -2.96
C ALA B 174 -6.46 19.50 -2.75
N ARG B 175 -5.16 19.73 -2.83
CA ARG B 175 -4.19 18.66 -2.63
C ARG B 175 -3.01 19.15 -1.81
N ILE B 176 -2.61 18.33 -0.84
CA ILE B 176 -1.34 18.52 -0.13
C ILE B 176 -0.22 18.06 -1.04
N GLY B 177 0.76 18.95 -1.25
CA GLY B 177 1.98 18.60 -1.98
C GLY B 177 2.98 17.94 -1.04
N LEU B 178 3.55 18.73 -0.13
CA LEU B 178 4.47 18.22 0.89
C LEU B 178 3.99 18.55 2.31
N LEU B 179 4.31 17.68 3.25
CA LEU B 179 3.92 17.86 4.66
C LEU B 179 4.96 17.18 5.54
N ALA B 180 5.49 17.92 6.51
CA ALA B 180 6.52 17.40 7.41
C ALA B 180 6.58 18.17 8.70
N GLY B 181 6.78 17.44 9.79
CA GLY B 181 6.94 18.04 11.12
C GLY B 181 6.65 17.03 12.20
N ARG B 182 7.72 16.50 12.79
CA ARG B 182 7.64 15.55 13.89
C ARG B 182 6.77 16.13 14.99
N GLY B 183 5.76 15.37 15.41
CA GLY B 183 4.85 15.81 16.47
C GLY B 183 3.86 16.89 16.09
N ALA B 184 3.88 17.30 14.82
CA ALA B 184 3.02 18.39 14.35
C ALA B 184 1.97 17.88 13.35
N GLY B 185 1.87 16.57 13.20
CA GLY B 185 1.01 15.99 12.17
C GLY B 185 -0.45 16.41 12.27
N ALA B 186 -1.01 16.30 13.48
CA ALA B 186 -2.42 16.69 13.68
C ALA B 186 -2.64 18.16 13.33
N GLU B 187 -1.74 19.01 13.81
CA GLU B 187 -1.85 20.44 13.53
C GLU B 187 -1.72 20.76 12.05
N LEU B 188 -0.84 20.04 11.36
CA LEU B 188 -0.63 20.30 9.93
C LEU B 188 -1.84 19.84 9.11
N MET B 189 -2.43 18.71 9.50
CA MET B 189 -3.68 18.32 8.86
C MET B 189 -4.79 19.34 9.08
N GLN B 190 -4.88 19.86 10.30
CA GLN B 190 -5.90 20.88 10.60
C GLN B 190 -5.66 22.11 9.73
N THR B 191 -4.38 22.49 9.62
CA THR B 191 -3.97 23.61 8.79
C THR B 191 -4.41 23.43 7.34
N ALA B 192 -4.16 22.24 6.79
CA ALA B 192 -4.45 21.97 5.38
C ALA B 192 -5.96 21.94 5.15
N LEU B 193 -6.69 21.34 6.10
CA LEU B 193 -8.15 21.27 5.95
C LEU B 193 -8.78 22.67 6.05
N ASN B 194 -8.27 23.49 6.96
CA ASN B 194 -8.76 24.87 7.09
C ASN B 194 -8.53 25.67 5.79
N TRP B 195 -7.36 25.49 5.19
CA TRP B 195 -7.01 26.14 3.93
C TRP B 195 -7.98 25.75 2.81
N ALA B 196 -8.28 24.45 2.74
CA ALA B 196 -9.24 23.95 1.76
C ALA B 196 -10.65 24.49 2.01
N TYR B 197 -11.07 24.48 3.28
CA TYR B 197 -12.39 24.96 3.67
C TYR B 197 -12.57 26.41 3.25
N ALA B 198 -11.56 27.22 3.55
CA ALA B 198 -11.57 28.65 3.24
C ALA B 198 -11.74 28.92 1.75
N ARG B 199 -11.31 27.96 0.92
CA ARG B 199 -11.40 28.06 -0.53
C ARG B 199 -12.56 27.28 -1.14
N GLY B 200 -13.50 26.89 -0.29
CA GLY B 200 -14.75 26.27 -0.72
C GLY B 200 -14.63 24.87 -1.28
N LYS B 201 -13.57 24.15 -0.87
CA LYS B 201 -13.36 22.77 -1.32
C LYS B 201 -14.09 21.80 -0.40
N THR B 202 -14.57 20.68 -0.96
CA THR B 202 -15.19 19.59 -0.18
C THR B 202 -14.19 18.48 0.17
N THR B 203 -13.09 18.43 -0.57
CA THR B 203 -12.23 17.25 -0.58
C THR B 203 -10.78 17.69 -0.57
N LEU B 204 -10.02 17.09 0.33
CA LEU B 204 -8.57 17.33 0.39
C LEU B 204 -7.87 16.03 0.08
N ARG B 205 -7.02 16.03 -0.94
CA ARG B 205 -6.35 14.82 -1.40
C ARG B 205 -4.91 14.84 -0.94
N VAL B 206 -4.38 13.67 -0.62
CA VAL B 206 -2.97 13.56 -0.28
C VAL B 206 -2.47 12.17 -0.58
N ALA B 207 -1.31 12.08 -1.22
CA ALA B 207 -0.72 10.79 -1.53
C ALA B 207 0.53 10.59 -0.69
N THR B 208 0.88 9.33 -0.43
CA THR B 208 2.10 9.02 0.30
C THR B 208 2.66 7.69 -0.15
N GLN B 209 3.93 7.46 0.14
CA GLN B 209 4.54 6.15 -0.13
C GLN B 209 3.91 5.07 0.73
N MET B 210 3.76 3.89 0.17
CA MET B 210 3.28 2.73 0.92
C MET B 210 4.03 2.46 2.21
N GLY B 211 5.34 2.70 2.19
CA GLY B 211 6.20 2.42 3.35
C GLY B 211 6.09 3.44 4.46
N ASN B 212 5.43 4.56 4.17
CA ASN B 212 5.36 5.68 5.12
C ASN B 212 4.17 5.48 6.06
N THR B 213 4.30 4.49 6.93
CA THR B 213 3.22 4.18 7.88
C THR B 213 2.87 5.34 8.81
N ALA B 214 3.86 6.12 9.25
CA ALA B 214 3.59 7.30 10.08
C ALA B 214 2.64 8.29 9.38
N ALA B 215 2.89 8.54 8.08
CA ALA B 215 2.02 9.40 7.31
C ALA B 215 0.64 8.81 7.12
N LEU B 216 0.58 7.55 6.70
CA LEU B 216 -0.70 6.87 6.54
C LEU B 216 -1.55 6.93 7.81
N LYS B 217 -0.95 6.58 8.93
CA LYS B 217 -1.62 6.60 10.23
C LYS B 217 -2.19 7.99 10.51
N ARG B 218 -1.38 9.02 10.31
CA ARG B 218 -1.83 10.39 10.56
C ARG B 218 -2.99 10.79 9.65
N TYR B 219 -2.89 10.48 8.34
CA TYR B 219 -3.96 10.83 7.44
C TYR B 219 -5.27 10.15 7.83
N ILE B 220 -5.19 8.88 8.18
CA ILE B 220 -6.38 8.14 8.58
C ILE B 220 -6.96 8.67 9.90
N GLN B 221 -6.08 8.98 10.85
CA GLN B 221 -6.51 9.59 12.13
C GLN B 221 -7.27 10.89 11.92
N SER B 222 -6.93 11.60 10.85
CA SER B 222 -7.53 12.91 10.51
C SER B 222 -8.78 12.80 9.62
N GLY B 223 -9.17 11.57 9.27
CA GLY B 223 -10.41 11.35 8.53
C GLY B 223 -10.26 10.86 7.10
N ALA B 224 -9.02 10.57 6.68
CA ALA B 224 -8.80 10.14 5.28
C ALA B 224 -9.27 8.73 5.05
N ASN B 225 -9.66 8.45 3.81
CA ASN B 225 -9.81 7.07 3.37
C ASN B 225 -9.07 6.91 2.03
N VAL B 226 -8.83 5.66 1.65
CA VAL B 226 -8.04 5.36 0.48
C VAL B 226 -8.86 5.56 -0.78
N GLU B 227 -8.27 6.20 -1.79
CA GLU B 227 -8.94 6.43 -3.07
C GLU B 227 -8.36 5.56 -4.17
N SER B 228 -7.03 5.45 -4.19
CA SER B 228 -6.36 4.60 -5.18
C SER B 228 -5.01 4.14 -4.68
N THR B 229 -4.51 3.08 -5.28
CA THR B 229 -3.16 2.61 -4.95
C THR B 229 -2.45 2.29 -6.25
N ALA B 230 -1.15 2.47 -6.25
CA ALA B 230 -0.35 2.35 -7.47
C ALA B 230 1.06 1.85 -7.23
N TYR B 231 1.66 1.26 -8.27
CA TYR B 231 3.10 1.01 -8.28
C TYR B 231 3.77 1.86 -9.34
N TRP B 232 4.92 2.43 -8.98
CA TRP B 232 5.87 3.01 -9.93
C TRP B 232 6.89 1.93 -10.24
N LEU B 233 7.09 1.66 -11.53
CA LEU B 233 8.09 0.68 -11.99
C LEU B 233 9.01 1.41 -12.95
N TYR B 234 10.31 1.17 -12.84
CA TYR B 234 11.27 1.81 -13.77
C TYR B 234 12.05 0.74 -14.53
N ARG B 235 12.58 1.15 -15.70
CA ARG B 235 13.48 0.32 -16.50
C ARG B 235 14.75 1.15 -16.74
#